data_7DYW
#
_entry.id   7DYW
#
_cell.length_a   49.642
_cell.length_b   65.415
_cell.length_c   79.566
_cell.angle_alpha   90.000
_cell.angle_beta   90.000
_cell.angle_gamma   90.000
#
_symmetry.space_group_name_H-M   'P 21 21 21'
#
loop_
_entity.id
_entity.type
_entity.pdbx_description
1 polymer 'Bifunctional peptidase and arginyl-hydroxylase JMJD5'
2 non-polymer '5-((2-methoxybenzyl)amino)pyridine-2,4-dicarboxylic acid'
3 non-polymer 'MANGANESE (II) ION'
4 water water
#
_entity_poly.entity_id   1
_entity_poly.type   'polypeptide(L)'
_entity_poly.pdbx_seq_one_letter_code
;QSTVPRLHRPSLQHFREQFLVPGRPVILKGVADHWPCMQKWSLEYIQEIAGCRTVPVEVGSRYTDEEWSQTLMTVNEFIS
KYIVNEPRDVGYLAQHQLFDQIPELKQDISIPDYCSLGDGEEEEITINAWFGPQGTISPLHQDPQQNFLVQVMGRKYIRL
YSPQESGALYPHDTHLLHNTSQVDVENPDLEKFPKFAKAPFLSCILSPGEILFIPVKYWHYVRALDLSFSVSFWWS
;
_entity_poly.pdbx_strand_id   A
#
# COMPACT_ATOMS: atom_id res chain seq x y z
N GLN A 1 14.32 5.07 19.14
CA GLN A 1 12.97 4.91 18.62
C GLN A 1 12.96 3.98 17.41
N SER A 2 11.77 3.72 16.85
CA SER A 2 11.64 2.94 15.63
C SER A 2 10.44 3.32 14.80
N THR A 3 10.05 4.59 14.81
CA THR A 3 8.94 5.09 14.01
C THR A 3 9.46 5.85 12.79
N VAL A 4 8.66 5.87 11.72
CA VAL A 4 9.03 6.61 10.51
C VAL A 4 8.95 8.11 10.80
N PRO A 5 9.91 8.92 10.37
CA PRO A 5 9.80 10.36 10.65
C PRO A 5 8.69 10.98 9.80
N ARG A 6 8.09 12.04 10.33
CA ARG A 6 7.11 12.85 9.63
C ARG A 6 7.68 14.24 9.35
N LEU A 7 7.69 14.66 8.09
CA LEU A 7 8.13 16.00 7.73
C LEU A 7 7.02 16.72 6.99
N HIS A 8 6.85 18.00 7.27
CA HIS A 8 5.81 18.79 6.61
C HIS A 8 6.39 19.44 5.35
N ARG A 9 5.91 18.99 4.20
CA ARG A 9 6.16 19.64 2.92
C ARG A 9 7.64 19.98 2.74
N PRO A 10 8.54 19.02 2.94
CA PRO A 10 9.96 19.30 2.76
C PRO A 10 10.29 19.70 1.32
N SER A 11 11.45 20.35 1.17
CA SER A 11 11.87 20.80 -0.14
C SER A 11 12.33 19.61 -1.00
N LEU A 12 12.30 19.81 -2.32
CA LEU A 12 12.71 18.75 -3.22
C LEU A 12 14.15 18.35 -2.95
N GLN A 13 15.00 19.34 -2.68
CA GLN A 13 16.41 19.08 -2.37
C GLN A 13 16.56 18.37 -1.04
N HIS A 14 15.78 18.78 -0.03
CA HIS A 14 15.82 18.10 1.26
C HIS A 14 15.32 16.65 1.15
N PHE A 15 14.23 16.43 0.42
CA PHE A 15 13.77 15.06 0.22
C PHE A 15 14.79 14.27 -0.58
N ARG A 16 15.31 14.85 -1.68
CA ARG A 16 16.29 14.16 -2.49
C ARG A 16 17.50 13.74 -1.67
N GLU A 17 18.03 14.66 -0.86
CA GLU A 17 19.30 14.42 -0.21
C GLU A 17 19.15 13.49 0.98
N GLN A 18 18.14 13.72 1.81
CA GLN A 18 18.05 12.98 3.07
C GLN A 18 17.23 11.71 3.00
N PHE A 19 16.51 11.45 1.90
CA PHE A 19 15.65 10.26 1.86
C PHE A 19 15.67 9.49 0.54
N LEU A 20 15.43 10.15 -0.59
CA LEU A 20 15.43 9.43 -1.86
C LEU A 20 16.79 8.79 -2.16
N VAL A 21 17.80 9.58 -2.28
CA VAL A 21 19.14 9.02 -2.57
C VAL A 21 19.59 7.95 -1.58
N PRO A 22 19.67 8.23 -0.27
CA PRO A 22 20.08 7.15 0.69
C PRO A 22 19.07 6.02 0.81
N GLY A 23 17.81 6.24 0.45
CA GLY A 23 16.84 5.17 0.60
C GLY A 23 16.19 5.06 1.97
N ARG A 24 15.84 6.18 2.59
CA ARG A 24 15.29 6.15 3.95
C ARG A 24 13.81 6.48 3.89
N PRO A 25 12.96 5.71 4.57
CA PRO A 25 11.53 6.00 4.54
C PRO A 25 11.20 7.30 5.26
N VAL A 26 10.09 7.90 4.88
CA VAL A 26 9.60 9.10 5.53
C VAL A 26 8.13 9.27 5.23
N ILE A 27 7.41 9.95 6.10
CA ILE A 27 6.01 10.30 5.89
C ILE A 27 5.97 11.79 5.57
N LEU A 28 5.32 12.16 4.48
CA LEU A 28 5.20 13.56 4.10
C LEU A 28 3.83 14.10 4.51
N LYS A 29 3.83 15.14 5.34
CA LYS A 29 2.64 15.86 5.74
C LYS A 29 2.44 17.14 4.92
N GLY A 30 1.20 17.58 4.86
CA GLY A 30 0.87 18.80 4.16
C GLY A 30 1.09 18.76 2.67
N VAL A 31 1.12 17.58 2.06
CA VAL A 31 1.32 17.45 0.62
C VAL A 31 0.04 17.03 -0.07
N ALA A 32 -0.53 15.91 0.35
CA ALA A 32 -1.74 15.39 -0.26
C ALA A 32 -2.99 15.74 0.51
N ASP A 33 -2.85 16.36 1.69
CA ASP A 33 -3.98 16.56 2.58
C ASP A 33 -4.98 17.58 2.05
N HIS A 34 -4.62 18.33 1.00
CA HIS A 34 -5.58 19.22 0.34
C HIS A 34 -5.95 18.73 -1.07
N TRP A 35 -5.64 17.49 -1.40
CA TRP A 35 -6.15 16.92 -2.64
C TRP A 35 -7.65 16.72 -2.52
N PRO A 36 -8.40 16.91 -3.58
CA PRO A 36 -9.86 16.82 -3.45
C PRO A 36 -10.34 15.46 -2.96
N CYS A 37 -9.63 14.38 -3.27
CA CYS A 37 -10.04 13.06 -2.80
C CYS A 37 -10.18 13.03 -1.30
N MET A 38 -9.44 13.88 -0.58
CA MET A 38 -9.44 13.84 0.88
C MET A 38 -10.78 14.26 1.48
N GLN A 39 -11.56 15.07 0.76
CA GLN A 39 -12.88 15.45 1.24
C GLN A 39 -14.03 14.83 0.47
N LYS A 40 -13.80 14.34 -0.74
CA LYS A 40 -14.88 13.85 -1.60
C LYS A 40 -15.12 12.35 -1.52
N TRP A 41 -14.08 11.53 -1.39
CA TRP A 41 -14.23 10.08 -1.51
C TRP A 41 -14.91 9.49 -0.28
N SER A 42 -16.20 9.25 -0.38
CA SER A 42 -16.93 8.40 0.55
C SER A 42 -17.40 7.18 -0.21
N LEU A 43 -17.95 6.21 0.52
CA LEU A 43 -18.57 5.07 -0.14
C LEU A 43 -19.64 5.54 -1.12
N GLU A 44 -20.39 6.59 -0.73
CA GLU A 44 -21.42 7.13 -1.62
C GLU A 44 -20.81 7.70 -2.88
N TYR A 45 -19.72 8.45 -2.76
CA TYR A 45 -19.12 9.06 -3.94
C TYR A 45 -18.55 8.00 -4.85
N ILE A 46 -17.93 6.96 -4.27
CA ILE A 46 -17.31 5.91 -5.06
C ILE A 46 -18.37 5.12 -5.81
N GLN A 47 -19.50 4.84 -5.16
CA GLN A 47 -20.59 4.16 -5.85
C GLN A 47 -21.14 5.03 -6.98
N GLU A 48 -21.34 6.32 -6.73
CA GLU A 48 -21.88 7.20 -7.77
C GLU A 48 -20.98 7.23 -9.00
N ILE A 49 -19.67 7.41 -8.79
N ILE A 49 -19.68 7.41 -8.80
CA ILE A 49 -18.78 7.64 -9.92
CA ILE A 49 -18.79 7.63 -9.94
C ILE A 49 -18.35 6.33 -10.55
C ILE A 49 -18.41 6.29 -10.57
N ALA A 50 -18.23 5.26 -9.76
CA ALA A 50 -17.67 4.01 -10.25
C ALA A 50 -18.53 2.78 -10.06
N GLY A 51 -19.74 2.91 -9.51
CA GLY A 51 -20.44 1.75 -9.00
C GLY A 51 -20.68 0.66 -10.03
N CYS A 52 -20.95 1.05 -11.28
CA CYS A 52 -21.30 0.09 -12.31
C CYS A 52 -20.12 -0.41 -13.10
N ARG A 53 -18.91 0.03 -12.79
CA ARG A 53 -17.73 -0.45 -13.50
C ARG A 53 -17.30 -1.81 -12.94
N THR A 54 -16.73 -2.64 -13.80
CA THR A 54 -16.14 -3.91 -13.37
C THR A 54 -14.76 -3.68 -12.83
N VAL A 55 -14.42 -4.35 -11.72
CA VAL A 55 -13.10 -4.21 -11.11
C VAL A 55 -12.59 -5.60 -10.72
N PRO A 56 -11.27 -5.84 -10.76
CA PRO A 56 -10.73 -7.11 -10.26
C PRO A 56 -10.66 -7.09 -8.74
N VAL A 57 -11.03 -8.19 -8.13
CA VAL A 57 -11.10 -8.28 -6.68
C VAL A 57 -10.33 -9.51 -6.25
N GLU A 58 -9.43 -9.33 -5.29
CA GLU A 58 -8.75 -10.42 -4.61
C GLU A 58 -9.61 -10.89 -3.45
N VAL A 59 -9.86 -12.19 -3.38
CA VAL A 59 -10.66 -12.76 -2.31
C VAL A 59 -9.83 -13.82 -1.61
N GLY A 60 -9.72 -13.71 -0.29
CA GLY A 60 -9.12 -14.75 0.50
C GLY A 60 -9.89 -14.91 1.80
N SER A 61 -9.60 -16.00 2.51
CA SER A 61 -10.25 -16.26 3.78
C SER A 61 -9.40 -15.73 4.94
N ARG A 62 -10.08 -15.47 6.08
CA ARG A 62 -9.38 -14.99 7.28
C ARG A 62 -8.28 -15.96 7.71
N TYR A 63 -8.52 -17.27 7.56
CA TYR A 63 -7.46 -18.27 7.65
C TYR A 63 -6.37 -17.94 6.64
N THR A 64 -5.18 -17.60 7.16
CA THR A 64 -4.08 -17.16 6.32
C THR A 64 -3.60 -18.27 5.39
N ASP A 65 -3.92 -19.53 5.69
CA ASP A 65 -3.45 -20.68 4.93
C ASP A 65 -4.36 -20.89 3.72
N GLU A 66 -4.29 -19.91 2.81
CA GLU A 66 -4.99 -19.99 1.54
C GLU A 66 -4.33 -19.00 0.59
N GLU A 67 -4.59 -19.20 -0.69
CA GLU A 67 -4.24 -18.22 -1.69
C GLU A 67 -5.40 -17.23 -1.85
N TRP A 68 -5.09 -16.09 -2.43
CA TRP A 68 -6.11 -15.14 -2.83
C TRP A 68 -6.54 -15.48 -4.26
N SER A 69 -7.80 -15.84 -4.43
N SER A 69 -7.82 -15.82 -4.43
CA SER A 69 -8.35 -15.99 -5.77
CA SER A 69 -8.35 -16.00 -5.75
C SER A 69 -8.67 -14.63 -6.36
C SER A 69 -8.69 -14.64 -6.34
N GLN A 70 -8.65 -14.55 -7.69
CA GLN A 70 -8.87 -13.30 -8.41
C GLN A 70 -10.15 -13.43 -9.21
N THR A 71 -11.12 -12.55 -8.93
CA THR A 71 -12.39 -12.55 -9.66
C THR A 71 -12.70 -11.15 -10.17
N LEU A 72 -13.89 -11.02 -10.78
CA LEU A 72 -14.38 -9.75 -11.31
C LEU A 72 -15.79 -9.46 -10.80
N MET A 73 -16.07 -8.19 -10.56
N MET A 73 -16.08 -8.18 -10.56
CA MET A 73 -17.42 -7.79 -10.18
CA MET A 73 -17.38 -7.77 -10.05
C MET A 73 -17.50 -6.29 -10.33
C MET A 73 -17.47 -6.27 -10.15
N THR A 74 -18.71 -5.76 -10.16
CA THR A 74 -18.91 -4.31 -10.20
C THR A 74 -18.52 -3.73 -8.86
N VAL A 75 -18.12 -2.46 -8.87
CA VAL A 75 -17.77 -1.80 -7.62
C VAL A 75 -18.94 -1.87 -6.65
N ASN A 76 -20.16 -1.78 -7.18
CA ASN A 76 -21.34 -1.92 -6.33
C ASN A 76 -21.38 -3.29 -5.68
N GLU A 77 -21.16 -4.35 -6.46
CA GLU A 77 -21.11 -5.69 -5.87
C GLU A 77 -20.00 -5.81 -4.83
N PHE A 78 -18.81 -5.28 -5.13
CA PHE A 78 -17.71 -5.37 -4.19
C PHE A 78 -18.09 -4.72 -2.86
N ILE A 79 -18.63 -3.50 -2.91
CA ILE A 79 -18.98 -2.78 -1.69
C ILE A 79 -20.05 -3.54 -0.93
N SER A 80 -20.93 -4.24 -1.65
N SER A 80 -20.93 -4.24 -1.65
CA SER A 80 -22.03 -4.92 -0.99
CA SER A 80 -22.04 -4.92 -1.00
C SER A 80 -21.61 -6.24 -0.40
C SER A 80 -21.61 -6.24 -0.40
N LYS A 81 -20.75 -6.99 -1.09
CA LYS A 81 -20.37 -8.30 -0.60
C LYS A 81 -19.27 -8.20 0.45
N TYR A 82 -18.34 -7.25 0.32
CA TYR A 82 -17.12 -7.33 1.11
C TYR A 82 -16.86 -6.15 2.02
N ILE A 83 -17.74 -5.15 2.05
N ILE A 83 -17.75 -5.17 2.04
CA ILE A 83 -17.52 -3.98 2.87
CA ILE A 83 -17.55 -3.95 2.82
C ILE A 83 -18.65 -3.76 3.87
C ILE A 83 -18.64 -3.77 3.87
N VAL A 84 -19.90 -3.91 3.48
CA VAL A 84 -21.00 -3.53 4.36
C VAL A 84 -21.56 -4.71 5.15
N ASN A 85 -21.70 -5.87 4.55
CA ASN A 85 -22.20 -7.02 5.29
C ASN A 85 -21.06 -7.88 5.81
N GLU A 86 -21.28 -8.52 6.99
CA GLU A 86 -20.30 -9.46 7.52
C GLU A 86 -20.01 -10.50 6.44
N PRO A 87 -18.80 -10.54 5.86
CA PRO A 87 -18.55 -11.49 4.76
C PRO A 87 -17.78 -12.71 5.22
N ARG A 88 -18.01 -13.88 4.60
CA ARG A 88 -17.23 -15.05 5.00
C ARG A 88 -15.76 -14.82 4.71
N ASP A 89 -15.46 -14.34 3.52
CA ASP A 89 -14.10 -14.05 3.11
C ASP A 89 -13.82 -12.55 3.15
N VAL A 90 -12.53 -12.21 3.11
CA VAL A 90 -12.12 -10.82 2.91
C VAL A 90 -11.93 -10.59 1.41
N GLY A 91 -12.44 -9.47 0.91
CA GLY A 91 -12.24 -9.05 -0.48
C GLY A 91 -11.50 -7.72 -0.55
N TYR A 92 -10.64 -7.58 -1.55
CA TYR A 92 -9.74 -6.43 -1.65
C TYR A 92 -9.66 -5.99 -3.10
N LEU A 93 -10.12 -4.78 -3.38
CA LEU A 93 -9.93 -4.16 -4.69
C LEU A 93 -8.51 -3.62 -4.71
N ALA A 94 -7.55 -4.50 -5.03
CA ALA A 94 -6.14 -4.22 -4.80
C ALA A 94 -5.37 -4.06 -6.11
N GLN A 95 -4.32 -3.23 -6.05
CA GLN A 95 -3.36 -3.05 -7.14
C GLN A 95 -4.08 -2.91 -8.49
N HIS A 96 -5.03 -2.00 -8.54
CA HIS A 96 -5.75 -1.74 -9.77
C HIS A 96 -5.54 -0.31 -10.25
N GLN A 97 -5.32 -0.14 -11.55
CA GLN A 97 -5.20 1.19 -12.14
C GLN A 97 -6.58 1.80 -12.41
N LEU A 98 -7.30 2.00 -11.31
CA LEU A 98 -8.66 2.49 -11.38
C LEU A 98 -8.77 3.84 -12.06
N PHE A 99 -7.71 4.66 -12.03
CA PHE A 99 -7.77 6.03 -12.48
C PHE A 99 -7.53 6.14 -13.96
N ASP A 100 -6.87 5.14 -14.57
CA ASP A 100 -6.92 4.98 -16.03
C ASP A 100 -8.29 4.50 -16.47
N GLN A 101 -8.91 3.61 -15.70
CA GLN A 101 -10.22 3.10 -16.09
C GLN A 101 -11.28 4.17 -15.93
N ILE A 102 -11.15 5.01 -14.90
CA ILE A 102 -12.12 6.04 -14.58
C ILE A 102 -11.40 7.36 -14.48
N PRO A 103 -11.17 8.06 -15.59
CA PRO A 103 -10.47 9.37 -15.51
C PRO A 103 -11.19 10.40 -14.68
N GLU A 104 -12.52 10.31 -14.55
CA GLU A 104 -13.23 11.21 -13.66
C GLU A 104 -12.61 11.25 -12.28
N LEU A 105 -12.04 10.13 -11.82
CA LEU A 105 -11.44 10.08 -10.49
C LEU A 105 -10.04 10.67 -10.50
N LYS A 106 -9.37 10.66 -11.66
CA LYS A 106 -8.03 11.23 -11.72
C LYS A 106 -8.04 12.73 -11.46
N GLN A 107 -9.20 13.38 -11.59
CA GLN A 107 -9.27 14.79 -11.22
C GLN A 107 -9.09 15.01 -9.72
N ASP A 108 -9.31 13.98 -8.89
CA ASP A 108 -9.32 14.13 -7.45
C ASP A 108 -7.97 13.87 -6.80
N ILE A 109 -6.95 13.58 -7.58
CA ILE A 109 -5.63 13.38 -7.05
C ILE A 109 -4.63 14.17 -7.89
N SER A 110 -3.35 14.05 -7.55
N SER A 110 -3.35 14.03 -7.57
CA SER A 110 -2.26 14.64 -8.31
CA SER A 110 -2.27 14.62 -8.36
C SER A 110 -1.06 13.70 -8.22
C SER A 110 -0.98 13.88 -8.06
N ILE A 111 -0.03 13.98 -8.99
CA ILE A 111 1.24 13.27 -8.89
C ILE A 111 2.14 14.10 -7.97
N PRO A 112 2.64 13.54 -6.87
CA PRO A 112 3.51 14.34 -5.98
C PRO A 112 4.65 14.97 -6.77
N ASP A 113 4.98 16.22 -6.45
CA ASP A 113 6.08 16.92 -7.11
C ASP A 113 7.42 16.18 -6.94
N TYR A 114 7.58 15.46 -5.83
CA TYR A 114 8.85 14.77 -5.58
C TYR A 114 9.13 13.68 -6.63
N CYS A 115 8.12 13.25 -7.36
CA CYS A 115 8.34 12.25 -8.39
C CYS A 115 9.26 12.77 -9.49
N SER A 116 9.29 14.09 -9.69
CA SER A 116 10.10 14.63 -10.77
C SER A 116 11.57 14.45 -10.49
N LEU A 117 11.93 14.11 -9.26
CA LEU A 117 13.31 13.85 -8.90
C LEU A 117 13.79 12.53 -9.47
N GLY A 118 12.87 11.70 -9.97
CA GLY A 118 13.23 10.42 -10.54
C GLY A 118 13.85 10.53 -11.92
N ASP A 119 14.29 9.38 -12.45
CA ASP A 119 14.90 9.30 -13.77
C ASP A 119 13.95 8.75 -14.84
N GLY A 120 12.66 8.59 -14.50
CA GLY A 120 11.68 8.08 -15.44
C GLY A 120 10.71 9.15 -15.89
N GLU A 121 9.90 8.79 -16.87
CA GLU A 121 8.91 9.69 -17.42
C GLU A 121 7.65 9.71 -16.55
N GLU A 122 6.99 10.87 -16.51
CA GLU A 122 5.72 10.97 -15.79
C GLU A 122 4.64 10.09 -16.41
N GLU A 123 4.71 9.85 -17.71
CA GLU A 123 3.77 8.96 -18.39
C GLU A 123 4.07 7.49 -18.13
N GLU A 124 5.08 7.19 -17.31
CA GLU A 124 5.40 5.83 -16.90
C GLU A 124 5.15 5.61 -15.41
N ILE A 125 4.61 6.59 -14.71
CA ILE A 125 4.31 6.41 -13.29
C ILE A 125 3.06 5.57 -13.18
N THR A 126 3.14 4.47 -12.45
CA THR A 126 1.96 3.61 -12.23
C THR A 126 1.20 4.10 -11.01
N ILE A 127 -0.10 4.32 -11.17
CA ILE A 127 -1.01 4.71 -10.08
C ILE A 127 -2.00 3.60 -9.84
N ASN A 128 -2.00 3.04 -8.64
CA ASN A 128 -2.87 1.95 -8.27
C ASN A 128 -3.78 2.36 -7.12
N ALA A 129 -5.01 1.84 -7.11
CA ALA A 129 -5.96 2.01 -6.01
C ALA A 129 -5.93 0.78 -5.13
N TRP A 130 -6.05 0.99 -3.81
CA TRP A 130 -6.13 -0.07 -2.81
C TRP A 130 -7.34 0.27 -1.94
N PHE A 131 -8.48 -0.35 -2.25
CA PHE A 131 -9.76 -0.04 -1.64
C PHE A 131 -10.30 -1.33 -1.06
N GLY A 132 -10.37 -1.40 0.26
CA GLY A 132 -10.82 -2.60 0.91
C GLY A 132 -11.27 -2.41 2.33
N PRO A 133 -11.76 -3.48 2.94
CA PRO A 133 -12.24 -3.38 4.32
C PRO A 133 -11.07 -3.40 5.32
N GLN A 134 -11.42 -3.08 6.56
CA GLN A 134 -10.58 -3.42 7.69
C GLN A 134 -10.09 -4.86 7.58
N GLY A 135 -8.82 -5.06 7.80
CA GLY A 135 -8.29 -6.41 7.90
C GLY A 135 -7.56 -6.94 6.69
N THR A 136 -7.46 -6.18 5.61
CA THR A 136 -6.63 -6.64 4.51
C THR A 136 -5.18 -6.63 4.95
N ILE A 137 -4.44 -7.65 4.53
CA ILE A 137 -3.04 -7.76 4.90
C ILE A 137 -2.21 -8.17 3.69
N SER A 138 -1.19 -7.40 3.38
CA SER A 138 -0.20 -7.83 2.40
C SER A 138 0.82 -8.76 3.04
N PRO A 139 1.45 -9.62 2.26
CA PRO A 139 2.70 -10.22 2.73
C PRO A 139 3.77 -9.15 2.87
N LEU A 140 4.80 -9.46 3.64
CA LEU A 140 5.98 -8.62 3.63
C LEU A 140 6.68 -8.80 2.28
N HIS A 141 6.92 -7.69 1.59
CA HIS A 141 7.44 -7.79 0.24
C HIS A 141 8.13 -6.50 -0.12
N GLN A 142 8.86 -6.54 -1.23
CA GLN A 142 9.59 -5.40 -1.76
C GLN A 142 9.22 -5.21 -3.23
N ASP A 143 9.17 -3.97 -3.71
CA ASP A 143 8.85 -3.63 -5.08
C ASP A 143 10.05 -3.03 -5.83
N PRO A 144 10.07 -3.12 -7.15
CA PRO A 144 11.24 -2.68 -7.92
C PRO A 144 11.29 -1.20 -8.25
N GLN A 145 10.41 -0.37 -7.69
CA GLN A 145 10.43 1.07 -7.96
C GLN A 145 10.24 1.81 -6.64
N GLN A 146 10.47 3.14 -6.67
CA GLN A 146 10.09 4.00 -5.55
C GLN A 146 8.58 3.98 -5.40
N ASN A 147 8.09 4.26 -4.19
CA ASN A 147 6.65 4.30 -3.96
C ASN A 147 6.29 5.47 -3.07
N PHE A 148 5.24 6.21 -3.45
CA PHE A 148 4.51 7.08 -2.54
C PHE A 148 3.17 6.43 -2.28
N LEU A 149 2.89 6.10 -1.02
CA LEU A 149 1.62 5.48 -0.66
C LEU A 149 0.77 6.55 0.03
N VAL A 150 -0.30 6.98 -0.62
CA VAL A 150 -1.11 8.08 -0.11
C VAL A 150 -2.35 7.49 0.55
N GLN A 151 -2.54 7.80 1.83
CA GLN A 151 -3.72 7.36 2.54
C GLN A 151 -4.83 8.40 2.38
N VAL A 152 -5.98 7.94 1.92
CA VAL A 152 -7.16 8.79 1.73
C VAL A 152 -8.22 8.51 2.78
N MET A 153 -8.65 7.26 2.88
N MET A 153 -8.61 7.24 2.92
CA MET A 153 -9.65 6.84 3.85
CA MET A 153 -9.66 6.81 3.82
C MET A 153 -9.04 5.82 4.79
C MET A 153 -9.07 5.78 4.78
N GLY A 154 -9.44 5.88 6.06
CA GLY A 154 -8.98 4.93 7.05
C GLY A 154 -7.49 4.99 7.38
N ARG A 155 -7.08 4.09 8.26
CA ARG A 155 -5.70 3.98 8.69
C ARG A 155 -5.11 2.63 8.31
N LYS A 156 -3.79 2.60 8.21
CA LYS A 156 -3.08 1.37 7.89
C LYS A 156 -1.85 1.26 8.76
N TYR A 157 -1.66 0.09 9.35
N TYR A 157 -1.69 0.11 9.40
CA TYR A 157 -0.44 -0.24 10.08
CA TYR A 157 -0.44 -0.21 10.07
C TYR A 157 0.58 -0.79 9.09
C TYR A 157 0.55 -0.71 9.03
N ILE A 158 1.76 -0.19 9.06
CA ILE A 158 2.79 -0.54 8.08
C ILE A 158 4.09 -0.83 8.80
N ARG A 159 4.75 -1.93 8.41
N ARG A 159 4.73 -1.95 8.46
CA ARG A 159 6.05 -2.30 8.96
CA ARG A 159 6.06 -2.25 8.96
C ARG A 159 7.05 -2.32 7.82
C ARG A 159 7.03 -2.22 7.79
N LEU A 160 8.24 -1.74 8.04
CA LEU A 160 9.25 -1.57 7.00
C LEU A 160 10.56 -2.22 7.43
N TYR A 161 11.16 -2.99 6.53
CA TYR A 161 12.47 -3.56 6.78
C TYR A 161 13.39 -3.20 5.62
N SER A 162 14.57 -2.68 5.95
N SER A 162 14.58 -2.68 5.94
CA SER A 162 15.53 -2.26 4.94
CA SER A 162 15.49 -2.23 4.90
C SER A 162 15.95 -3.45 4.07
C SER A 162 15.98 -3.43 4.09
N PRO A 163 16.36 -3.19 2.83
CA PRO A 163 16.84 -4.30 1.97
C PRO A 163 18.07 -4.96 2.53
N GLN A 164 18.71 -4.34 3.52
N GLN A 164 18.72 -4.36 3.52
CA GLN A 164 19.90 -4.92 4.11
CA GLN A 164 19.91 -4.95 4.10
C GLN A 164 19.58 -6.04 5.09
C GLN A 164 19.62 -5.95 5.20
N GLU A 165 18.37 -6.07 5.62
CA GLU A 165 17.92 -7.13 6.52
C GLU A 165 17.33 -8.31 5.75
N SER A 166 17.47 -8.33 4.41
CA SER A 166 16.78 -9.35 3.62
C SER A 166 17.07 -10.76 4.14
N GLY A 167 18.26 -10.98 4.67
CA GLY A 167 18.62 -12.32 5.08
C GLY A 167 17.73 -12.83 6.19
N ALA A 168 17.29 -11.93 7.06
CA ALA A 168 16.48 -12.32 8.19
C ALA A 168 15.00 -12.42 7.83
N LEU A 169 14.63 -12.07 6.61
CA LEU A 169 13.23 -12.11 6.20
C LEU A 169 12.86 -13.37 5.42
N TYR A 170 13.83 -14.23 5.09
CA TYR A 170 13.60 -15.53 4.50
C TYR A 170 12.70 -15.40 3.28
N PRO A 171 13.16 -14.74 2.22
CA PRO A 171 12.41 -14.72 0.97
C PRO A 171 12.14 -16.13 0.45
N HIS A 172 11.08 -16.26 -0.34
CA HIS A 172 10.77 -17.54 -0.96
C HIS A 172 11.83 -17.92 -1.97
N ASP A 173 12.02 -19.23 -2.15
N ASP A 173 11.98 -19.23 -2.18
CA ASP A 173 13.03 -19.73 -3.07
CA ASP A 173 13.01 -19.69 -3.10
C ASP A 173 12.58 -19.69 -4.53
C ASP A 173 12.58 -19.71 -4.55
N THR A 174 11.28 -19.67 -4.81
CA THR A 174 10.82 -19.62 -6.18
C THR A 174 11.18 -18.26 -6.77
N HIS A 175 11.35 -18.24 -8.10
CA HIS A 175 11.68 -16.97 -8.74
C HIS A 175 10.49 -16.01 -8.69
N LEU A 176 9.28 -16.53 -8.88
CA LEU A 176 8.11 -15.67 -8.89
C LEU A 176 7.84 -15.03 -7.53
N LEU A 177 8.38 -15.60 -6.46
CA LEU A 177 8.13 -15.09 -5.11
C LEU A 177 9.40 -14.67 -4.40
N HIS A 178 10.49 -14.46 -5.13
CA HIS A 178 11.74 -14.07 -4.49
C HIS A 178 11.66 -12.69 -3.87
N ASN A 179 10.64 -11.89 -4.21
CA ASN A 179 10.44 -10.58 -3.62
C ASN A 179 9.54 -10.62 -2.39
N THR A 180 9.13 -11.79 -1.95
CA THR A 180 8.17 -11.90 -0.87
C THR A 180 8.77 -12.71 0.26
N SER A 181 8.47 -12.31 1.49
CA SER A 181 8.98 -12.98 2.68
C SER A 181 8.10 -14.17 3.02
N GLN A 182 8.71 -15.18 3.60
CA GLN A 182 7.97 -16.32 4.08
C GLN A 182 7.37 -16.10 5.46
N VAL A 183 7.74 -15.04 6.12
CA VAL A 183 7.40 -14.84 7.53
C VAL A 183 6.06 -14.11 7.64
N ASP A 184 5.23 -14.54 8.59
N ASP A 184 5.23 -14.53 8.59
CA ASP A 184 4.05 -13.78 9.00
CA ASP A 184 4.03 -13.77 8.96
C ASP A 184 4.49 -12.71 10.00
C ASP A 184 4.44 -12.72 10.00
N VAL A 185 4.47 -11.45 9.59
CA VAL A 185 5.15 -10.42 10.37
C VAL A 185 4.58 -10.33 11.77
N GLU A 186 3.27 -10.42 11.90
CA GLU A 186 2.64 -10.15 13.18
C GLU A 186 2.46 -11.39 14.05
N ASN A 187 2.95 -12.55 13.61
CA ASN A 187 2.91 -13.76 14.40
C ASN A 187 3.97 -14.72 13.87
N PRO A 188 5.25 -14.37 13.95
CA PRO A 188 6.27 -15.14 13.25
C PRO A 188 6.54 -16.49 13.88
N ASP A 189 6.84 -17.48 13.03
CA ASP A 189 7.31 -18.80 13.49
C ASP A 189 8.81 -18.67 13.74
N LEU A 190 9.16 -18.30 14.96
CA LEU A 190 10.55 -18.13 15.31
C LEU A 190 11.32 -19.42 15.43
N GLU A 191 10.64 -20.57 15.46
N GLU A 191 10.64 -20.57 15.48
CA GLU A 191 11.33 -21.86 15.41
CA GLU A 191 11.35 -21.84 15.40
C GLU A 191 11.85 -22.17 14.01
C GLU A 191 11.88 -22.09 14.00
N LYS A 192 11.06 -21.84 12.98
CA LYS A 192 11.52 -21.95 11.60
C LYS A 192 12.27 -20.71 11.09
N PHE A 193 11.92 -19.51 11.54
CA PHE A 193 12.57 -18.27 11.09
C PHE A 193 13.18 -17.48 12.25
N PRO A 194 14.17 -18.07 12.93
CA PRO A 194 14.68 -17.43 14.16
C PRO A 194 15.35 -16.09 13.95
N LYS A 195 15.99 -15.85 12.79
CA LYS A 195 16.65 -14.57 12.56
C LYS A 195 15.67 -13.41 12.44
N PHE A 196 14.37 -13.69 12.26
CA PHE A 196 13.43 -12.58 12.08
C PHE A 196 13.26 -11.76 13.35
N ALA A 197 13.40 -12.38 14.52
CA ALA A 197 13.06 -11.70 15.76
C ALA A 197 13.99 -10.53 16.04
N LYS A 198 15.24 -10.60 15.61
CA LYS A 198 16.20 -9.54 15.86
C LYS A 198 16.48 -8.68 14.62
N ALA A 199 15.61 -8.69 13.64
CA ALA A 199 15.76 -7.81 12.51
C ALA A 199 15.13 -6.47 12.81
N PRO A 200 15.88 -5.37 12.78
CA PRO A 200 15.30 -4.08 13.11
C PRO A 200 14.31 -3.62 12.06
N PHE A 201 13.40 -2.75 12.48
CA PHE A 201 12.42 -2.24 11.54
C PHE A 201 11.92 -0.86 11.94
N LEU A 202 11.26 -0.22 10.98
CA LEU A 202 10.45 0.97 11.22
C LEU A 202 8.99 0.59 11.09
N SER A 203 8.12 1.33 11.80
CA SER A 203 6.68 1.09 11.73
C SER A 203 5.91 2.40 11.88
N CYS A 204 4.68 2.39 11.42
CA CYS A 204 3.84 3.58 11.54
C CYS A 204 2.40 3.18 11.37
N ILE A 205 1.51 4.06 11.83
CA ILE A 205 0.12 4.01 11.43
C ILE A 205 -0.08 5.17 10.46
N LEU A 206 -0.36 4.84 9.21
CA LEU A 206 -0.57 5.85 8.20
C LEU A 206 -2.02 6.31 8.22
N SER A 207 -2.23 7.60 8.39
N SER A 207 -2.23 7.60 8.39
CA SER A 207 -3.57 8.15 8.52
CA SER A 207 -3.57 8.16 8.51
C SER A 207 -3.93 9.04 7.33
C SER A 207 -3.93 8.99 7.30
N PRO A 208 -5.21 9.33 7.13
CA PRO A 208 -5.62 10.10 5.96
C PRO A 208 -4.85 11.40 5.82
N GLY A 209 -4.54 11.76 4.57
CA GLY A 209 -3.78 12.94 4.26
C GLY A 209 -2.28 12.73 4.21
N GLU A 210 -1.80 11.62 4.78
CA GLU A 210 -0.39 11.34 4.88
C GLU A 210 0.13 10.52 3.71
N ILE A 211 1.41 10.71 3.42
CA ILE A 211 2.09 10.05 2.30
C ILE A 211 3.30 9.33 2.88
N LEU A 212 3.35 8.02 2.72
CA LEU A 212 4.53 7.27 3.11
C LEU A 212 5.44 7.06 1.90
N PHE A 213 6.71 7.42 2.02
CA PHE A 213 7.69 7.12 0.98
C PHE A 213 8.34 5.78 1.32
N ILE A 214 8.14 4.78 0.46
CA ILE A 214 8.77 3.47 0.54
C ILE A 214 9.92 3.39 -0.46
N PRO A 215 11.14 3.46 0.00
CA PRO A 215 12.27 3.43 -0.95
C PRO A 215 12.22 2.18 -1.80
N VAL A 216 12.71 2.29 -3.02
CA VAL A 216 12.80 1.13 -3.88
C VAL A 216 13.41 -0.05 -3.13
N LYS A 217 12.79 -1.22 -3.29
N LYS A 217 12.79 -1.22 -3.29
CA LYS A 217 13.22 -2.49 -2.72
CA LYS A 217 13.23 -2.49 -2.72
C LYS A 217 13.15 -2.52 -1.19
C LYS A 217 13.14 -2.53 -1.20
N TYR A 218 12.59 -1.50 -0.56
CA TYR A 218 12.35 -1.58 0.88
C TYR A 218 11.21 -2.56 1.15
N TRP A 219 11.42 -3.50 2.08
CA TRP A 219 10.39 -4.47 2.45
C TRP A 219 9.32 -3.75 3.23
N HIS A 220 8.04 -3.98 2.88
CA HIS A 220 6.93 -3.31 3.56
C HIS A 220 5.79 -4.31 3.76
N TYR A 221 5.08 -4.15 4.87
CA TYR A 221 3.98 -5.00 5.29
C TYR A 221 2.84 -4.07 5.68
N VAL A 222 1.62 -4.35 5.23
CA VAL A 222 0.54 -3.38 5.32
C VAL A 222 -0.69 -4.09 5.83
N ARG A 223 -1.33 -3.53 6.86
CA ARG A 223 -2.58 -4.09 7.37
C ARG A 223 -3.55 -2.93 7.57
N ALA A 224 -4.76 -3.06 7.01
CA ALA A 224 -5.75 -1.98 7.10
C ALA A 224 -6.43 -2.06 8.45
N LEU A 225 -6.41 -0.98 9.23
CA LEU A 225 -7.07 -0.95 10.53
C LEU A 225 -8.53 -0.61 10.42
N ASP A 226 -8.93 0.06 9.33
CA ASP A 226 -10.31 0.50 9.11
C ASP A 226 -10.66 0.32 7.65
N LEU A 227 -11.95 0.49 7.33
CA LEU A 227 -12.33 0.71 5.94
C LEU A 227 -11.34 1.68 5.33
N SER A 228 -10.68 1.28 4.27
CA SER A 228 -9.49 2.00 3.83
C SER A 228 -9.48 2.20 2.32
N PHE A 229 -8.90 3.34 1.92
CA PHE A 229 -8.68 3.61 0.50
C PHE A 229 -7.32 4.29 0.36
N SER A 230 -6.40 3.64 -0.34
CA SER A 230 -5.07 4.18 -0.54
C SER A 230 -4.78 4.36 -2.03
N VAL A 231 -3.86 5.27 -2.34
CA VAL A 231 -3.36 5.45 -3.70
C VAL A 231 -1.85 5.39 -3.66
N SER A 232 -1.25 4.50 -4.47
CA SER A 232 0.20 4.35 -4.53
C SER A 232 0.71 4.88 -5.88
N PHE A 233 1.85 5.52 -5.82
CA PHE A 233 2.53 6.00 -7.00
C PHE A 233 3.82 5.23 -7.13
N TRP A 234 3.91 4.35 -8.13
CA TRP A 234 5.15 3.65 -8.44
C TRP A 234 5.95 4.41 -9.51
N TRP A 235 7.16 4.82 -9.15
CA TRP A 235 7.91 5.68 -10.04
C TRP A 235 9.40 5.40 -9.88
N SER A 236 10.17 5.88 -10.85
N SER A 236 10.19 5.91 -10.83
CA SER A 236 11.63 5.70 -10.84
CA SER A 236 11.64 5.82 -10.76
C SER A 236 12.32 7.00 -11.23
C SER A 236 12.27 7.03 -11.43
#